data_3QDU
#
_entry.id   3QDU
#
_cell.length_a   68.174
_cell.length_b   84.058
_cell.length_c   120.165
_cell.angle_alpha   90.00
_cell.angle_beta   90.00
_cell.angle_gamma   90.00
#
_symmetry.space_group_name_H-M   'P 21 21 21'
#
loop_
_entity.id
_entity.type
_entity.pdbx_description
1 polymer 'BOLETUS EDULIS LECTIN'
2 branched 2-acetamido-2-deoxy-beta-D-glucopyranose-(1-4)-2-acetamido-2-deoxy-beta-D-glucopyranose
3 water water
#
_entity_poly.entity_id   1
_entity_poly.type   'polypeptide(L)'
_entity_poly.pdbx_seq_one_letter_code
;(ACE)TYSITLRVFQRNPGRGFFSIVEKTVFHYANGGTWSEAKGTHTLTMGGSGTSGVLRFMSDKGELITVAVGVHNYKR
WCDVVTGLKPEETALVINPQYYNNGPRAYTREKQLAEYNVTSVVGTRFEVKYTVVEGNNLEANVIFS
;
_entity_poly.pdbx_strand_id   A,B,C,D
#
loop_
_chem_comp.id
_chem_comp.type
_chem_comp.name
_chem_comp.formula
ACE non-polymer 'ACETYL GROUP' 'C2 H4 O'
NAG D-saccharide, beta linking 2-acetamido-2-deoxy-beta-D-glucopyranose 'C8 H15 N O6'
#
# COMPACT_ATOMS: atom_id res chain seq x y z
C ACE A 1 13.04 16.72 -17.28
O ACE A 1 12.21 16.46 -18.15
CH3 ACE A 1 13.98 17.92 -17.39
N THR A 2 12.86 16.42 -16.00
CA THR A 2 11.94 15.37 -15.59
C THR A 2 10.48 15.82 -15.70
N TYR A 3 9.61 14.86 -15.97
CA TYR A 3 8.17 15.10 -15.92
C TYR A 3 7.55 14.14 -14.93
N SER A 4 6.55 14.60 -14.19
CA SER A 4 5.84 13.71 -13.29
C SER A 4 4.35 13.88 -13.46
N ILE A 5 3.61 12.79 -13.27
CA ILE A 5 2.16 12.82 -13.33
C ILE A 5 1.62 12.11 -12.09
N THR A 6 0.92 12.86 -11.25
CA THR A 6 0.38 12.31 -10.01
C THR A 6 -1.12 12.06 -10.15
N LEU A 7 -1.54 10.84 -9.85
CA LEU A 7 -2.94 10.44 -10.04
C LEU A 7 -3.66 10.23 -8.72
N ARG A 8 -4.91 10.71 -8.66
CA ARG A 8 -5.82 10.41 -7.56
C ARG A 8 -6.99 9.59 -8.10
N VAL A 9 -7.21 8.41 -7.53
CA VAL A 9 -8.27 7.52 -8.00
C VAL A 9 -9.59 7.75 -7.25
N PHE A 10 -10.61 8.19 -7.96
CA PHE A 10 -11.94 8.36 -7.39
C PHE A 10 -12.87 7.29 -7.95
N GLN A 11 -13.50 6.53 -7.07
CA GLN A 11 -14.50 5.55 -7.49
C GLN A 11 -15.87 5.93 -6.97
N ARG A 12 -16.80 6.19 -7.89
CA ARG A 12 -18.06 6.87 -7.53
C ARG A 12 -19.27 5.94 -7.35
N ASN A 13 -19.24 4.77 -7.95
CA ASN A 13 -20.43 3.91 -7.97
C ASN A 13 -20.16 2.45 -7.63
N PRO A 14 -20.45 2.06 -6.38
CA PRO A 14 -20.25 0.70 -5.90
C PRO A 14 -20.95 -0.34 -6.77
N GLY A 15 -22.03 0.06 -7.44
CA GLY A 15 -22.75 -0.84 -8.33
C GLY A 15 -21.88 -1.36 -9.46
N ARG A 16 -20.78 -0.67 -9.71
CA ARG A 16 -19.86 -1.06 -10.78
C ARG A 16 -18.73 -1.91 -10.24
N GLY A 17 -18.80 -2.24 -8.96
CA GLY A 17 -17.75 -3.01 -8.30
C GLY A 17 -16.61 -2.11 -7.89
N PHE A 18 -15.57 -2.70 -7.31
CA PHE A 18 -14.43 -1.95 -6.80
C PHE A 18 -13.15 -2.33 -7.56
N PHE A 19 -12.45 -1.32 -8.07
CA PHE A 19 -11.25 -1.56 -8.88
C PHE A 19 -9.97 -1.46 -8.05
N SER A 20 -9.01 -2.31 -8.39
CA SER A 20 -7.68 -2.22 -7.81
C SER A 20 -6.65 -2.40 -8.92
N ILE A 21 -5.46 -1.82 -8.70
CA ILE A 21 -4.39 -1.90 -9.68
C ILE A 21 -3.83 -3.32 -9.75
N VAL A 22 -3.68 -3.85 -10.95
CA VAL A 22 -3.13 -5.20 -11.12
C VAL A 22 -1.81 -5.20 -11.90
N GLU A 23 -1.44 -4.04 -12.43
CA GLU A 23 -0.24 -3.95 -13.26
C GLU A 23 0.18 -2.49 -13.48
N LYS A 24 1.48 -2.23 -13.47
CA LYS A 24 2.02 -0.89 -13.72
C LYS A 24 3.22 -0.94 -14.66
N THR A 25 3.05 -0.42 -15.87
CA THR A 25 4.13 -0.45 -16.87
C THR A 25 4.72 0.93 -17.12
N VAL A 26 5.94 0.97 -17.64
CA VAL A 26 6.57 2.22 -18.09
C VAL A 26 7.30 2.02 -19.42
N PHE A 27 6.95 2.84 -20.42
CA PHE A 27 7.60 2.73 -21.72
C PHE A 27 9.05 3.25 -21.68
N HIS A 28 9.89 2.70 -22.55
CA HIS A 28 11.34 2.89 -22.45
C HIS A 28 11.89 4.21 -23.00
N TYR A 29 11.07 4.96 -23.74
CA TYR A 29 11.52 6.24 -24.28
C TYR A 29 11.88 7.25 -23.19
N ALA A 30 12.65 8.27 -23.56
CA ALA A 30 13.02 9.35 -22.67
C ALA A 30 13.59 8.87 -21.33
N ASN A 31 14.46 7.86 -21.39
CA ASN A 31 15.10 7.35 -20.19
C ASN A 31 14.12 6.68 -19.23
N GLY A 32 12.99 6.24 -19.77
CA GLY A 32 11.99 5.51 -18.98
C GLY A 32 11.38 6.34 -17.86
N GLY A 33 11.17 5.71 -16.71
CA GLY A 33 10.56 6.36 -15.56
C GLY A 33 10.08 5.36 -14.53
N THR A 34 9.47 5.85 -13.46
CA THR A 34 9.10 4.98 -12.35
C THR A 34 7.73 5.32 -11.75
N TRP A 35 7.02 4.29 -11.28
CA TRP A 35 5.78 4.49 -10.53
C TRP A 35 6.10 4.47 -9.06
N SER A 36 5.50 5.40 -8.31
CA SER A 36 5.65 5.41 -6.87
C SER A 36 4.30 5.67 -6.22
N GLU A 37 4.19 5.39 -4.92
CA GLU A 37 2.96 5.64 -4.19
C GLU A 37 3.24 6.53 -2.99
N ALA A 38 2.32 7.45 -2.71
CA ALA A 38 2.43 8.32 -1.55
C ALA A 38 1.05 8.86 -1.20
N LYS A 39 0.67 8.73 0.06
CA LYS A 39 -0.61 9.26 0.54
C LYS A 39 -1.79 8.82 -0.32
N GLY A 40 -1.77 7.56 -0.75
CA GLY A 40 -2.87 6.99 -1.51
C GLY A 40 -2.93 7.43 -2.96
N THR A 41 -1.92 8.17 -3.41
CA THR A 41 -1.85 8.62 -4.80
C THR A 41 -0.78 7.86 -5.57
N HIS A 42 -0.83 7.96 -6.89
CA HIS A 42 0.13 7.27 -7.74
C HIS A 42 0.83 8.25 -8.66
N THR A 43 2.16 8.26 -8.59
CA THR A 43 2.93 9.18 -9.42
C THR A 43 3.83 8.44 -10.40
N LEU A 44 3.72 8.81 -11.66
CA LEU A 44 4.65 8.34 -12.67
C LEU A 44 5.70 9.43 -12.90
N THR A 45 6.96 9.11 -12.63
CA THR A 45 8.05 10.05 -12.88
C THR A 45 8.82 9.59 -14.11
N MET A 46 8.96 10.49 -15.09
CA MET A 46 9.55 10.17 -16.37
C MET A 46 10.82 10.98 -16.58
N GLY A 47 11.78 10.39 -17.30
CA GLY A 47 13.08 11.03 -17.50
C GLY A 47 13.06 12.19 -18.48
N GLY A 48 11.91 12.41 -19.10
CA GLY A 48 11.77 13.51 -20.05
C GLY A 48 10.45 13.41 -20.79
N SER A 49 10.25 14.29 -21.75
CA SER A 49 9.08 14.24 -22.62
C SER A 49 9.25 13.11 -23.64
N GLY A 50 8.17 12.41 -23.94
CA GLY A 50 8.20 11.40 -24.99
C GLY A 50 7.89 9.98 -24.54
N THR A 51 7.61 9.80 -23.25
CA THR A 51 7.28 8.47 -22.76
C THR A 51 5.97 8.45 -21.96
N SER A 52 5.71 7.34 -21.27
CA SER A 52 4.44 7.17 -20.58
C SER A 52 4.43 5.91 -19.75
N GLY A 53 3.34 5.73 -19.00
CA GLY A 53 3.14 4.52 -18.21
C GLY A 53 1.67 4.13 -18.24
N VAL A 54 1.39 2.86 -17.97
CA VAL A 54 0.01 2.39 -17.94
C VAL A 54 -0.30 1.69 -16.62
N LEU A 55 -1.47 1.99 -16.07
CA LEU A 55 -1.99 1.25 -14.93
C LEU A 55 -3.15 0.40 -15.42
N ARG A 56 -3.08 -0.91 -15.18
CA ARG A 56 -4.23 -1.77 -15.46
C ARG A 56 -5.01 -2.00 -14.19
N PHE A 57 -6.33 -1.83 -14.28
CA PHE A 57 -7.21 -2.04 -13.14
C PHE A 57 -8.08 -3.27 -13.36
N MET A 58 -8.41 -3.96 -12.29
CA MET A 58 -9.41 -5.02 -12.33
C MET A 58 -10.39 -4.81 -11.19
N SER A 59 -11.68 -4.83 -11.51
CA SER A 59 -12.71 -4.70 -10.48
C SER A 59 -12.95 -6.07 -9.84
N ASP A 60 -13.55 -6.08 -8.65
CA ASP A 60 -13.87 -7.33 -7.97
C ASP A 60 -15.03 -8.03 -8.67
N LYS A 61 -15.52 -7.41 -9.75
CA LYS A 61 -16.50 -8.04 -10.61
C LYS A 61 -15.82 -8.67 -11.83
N GLY A 62 -14.53 -8.42 -11.99
CA GLY A 62 -13.76 -9.06 -13.05
C GLY A 62 -13.46 -8.22 -14.28
N GLU A 63 -13.96 -6.98 -14.29
CA GLU A 63 -13.71 -6.07 -15.42
C GLU A 63 -12.25 -5.62 -15.48
N LEU A 64 -11.67 -5.64 -16.68
CA LEU A 64 -10.29 -5.21 -16.89
C LEU A 64 -10.22 -3.96 -17.75
N ILE A 65 -9.46 -2.97 -17.30
CA ILE A 65 -9.30 -1.72 -18.05
C ILE A 65 -7.93 -1.09 -17.83
N THR A 66 -7.45 -0.33 -18.80
CA THR A 66 -6.17 0.36 -18.66
C THR A 66 -6.29 1.87 -18.68
N VAL A 67 -5.41 2.51 -17.92
CA VAL A 67 -5.29 3.96 -17.93
C VAL A 67 -3.86 4.31 -18.33
N ALA A 68 -3.73 5.05 -19.41
CA ALA A 68 -2.41 5.44 -19.91
C ALA A 68 -2.24 6.95 -19.74
N VAL A 69 -1.08 7.35 -19.22
CA VAL A 69 -0.76 8.76 -19.07
C VAL A 69 0.69 8.96 -19.48
N GLY A 70 0.97 10.11 -20.07
CA GLY A 70 2.33 10.41 -20.47
C GLY A 70 2.48 11.85 -20.92
N VAL A 71 3.62 12.13 -21.54
CA VAL A 71 3.89 13.44 -22.07
C VAL A 71 4.39 13.30 -23.51
N HIS A 72 3.69 13.96 -24.44
CA HIS A 72 4.08 13.93 -25.84
C HIS A 72 4.34 15.35 -26.32
N ASN A 73 5.53 15.58 -26.87
CA ASN A 73 5.93 16.92 -27.28
C ASN A 73 5.61 17.94 -26.20
N TYR A 74 6.06 17.65 -24.98
CA TYR A 74 5.98 18.59 -23.86
C TYR A 74 4.56 18.89 -23.40
N LYS A 75 3.60 18.07 -23.83
CA LYS A 75 2.21 18.22 -23.42
C LYS A 75 1.65 16.89 -22.91
N ARG A 76 0.85 16.94 -21.86
CA ARG A 76 0.32 15.73 -21.26
C ARG A 76 -0.68 15.07 -22.20
N TRP A 77 -0.75 13.75 -22.13
CA TRP A 77 -1.79 13.00 -22.84
C TRP A 77 -2.34 11.90 -21.96
N CYS A 78 -3.49 11.36 -22.36
CA CYS A 78 -4.10 10.27 -21.60
C CYS A 78 -5.06 9.47 -22.48
N ASP A 79 -5.35 8.25 -22.04
CA ASP A 79 -6.22 7.36 -22.78
C ASP A 79 -6.75 6.31 -21.82
N VAL A 80 -7.94 5.79 -22.12
CA VAL A 80 -8.52 4.69 -21.38
C VAL A 80 -8.97 3.61 -22.35
N VAL A 81 -8.55 2.38 -22.09
CA VAL A 81 -9.02 1.24 -22.89
C VAL A 81 -9.79 0.30 -21.99
N THR A 82 -11.02 -0.04 -22.41
CA THR A 82 -11.89 -0.91 -21.63
C THR A 82 -12.15 -2.23 -22.35
N GLY A 83 -12.91 -3.10 -21.71
CA GLY A 83 -13.29 -4.37 -22.30
C GLY A 83 -12.10 -5.21 -22.71
N LEU A 84 -11.05 -5.15 -21.90
CA LEU A 84 -9.84 -5.91 -22.17
C LEU A 84 -10.04 -7.37 -21.85
N LYS A 85 -9.34 -8.24 -22.58
CA LYS A 85 -9.32 -9.66 -22.28
C LYS A 85 -8.17 -9.95 -21.31
N PRO A 86 -8.25 -11.07 -20.59
CA PRO A 86 -7.24 -11.44 -19.63
C PRO A 86 -5.83 -11.37 -20.20
N GLU A 87 -5.67 -11.72 -21.47
CA GLU A 87 -4.35 -11.77 -22.10
C GLU A 87 -3.86 -10.40 -22.58
N GLU A 88 -4.76 -9.42 -22.61
CA GLU A 88 -4.39 -8.07 -23.04
C GLU A 88 -3.89 -7.25 -21.86
N THR A 89 -2.71 -7.60 -21.38
CA THR A 89 -2.12 -6.97 -20.20
C THR A 89 -1.61 -5.57 -20.53
N ALA A 90 -1.29 -4.79 -19.50
CA ALA A 90 -0.73 -3.45 -19.71
C ALA A 90 0.56 -3.55 -20.53
N LEU A 91 1.29 -4.64 -20.36
CA LEU A 91 2.51 -4.88 -21.10
C LEU A 91 2.24 -5.00 -22.60
N VAL A 92 1.03 -5.41 -22.96
CA VAL A 92 0.62 -5.46 -24.37
C VAL A 92 0.18 -4.08 -24.83
N ILE A 93 -0.59 -3.41 -23.97
CA ILE A 93 -1.24 -2.15 -24.32
C ILE A 93 -0.27 -0.97 -24.44
N ASN A 94 0.67 -0.85 -23.51
CA ASN A 94 1.52 0.34 -23.44
C ASN A 94 2.30 0.61 -24.74
N PRO A 95 2.93 -0.43 -25.30
CA PRO A 95 3.69 -0.28 -26.55
C PRO A 95 2.83 0.08 -27.76
N GLN A 96 1.54 -0.24 -27.70
CA GLN A 96 0.65 0.02 -28.85
C GLN A 96 0.46 1.51 -29.10
N TYR A 97 0.96 2.34 -28.18
CA TYR A 97 0.88 3.79 -28.33
C TYR A 97 2.05 4.34 -29.14
N TYR A 98 3.01 3.46 -29.46
CA TYR A 98 4.23 3.90 -30.13
C TYR A 98 4.57 3.05 -31.36
N ASN A 99 5.63 3.44 -32.06
CA ASN A 99 6.09 2.70 -33.23
C ASN A 99 4.94 2.40 -34.21
N ASN A 100 4.13 3.43 -34.47
CA ASN A 100 3.03 3.29 -35.43
C ASN A 100 1.97 2.29 -35.00
N GLY A 101 1.88 2.05 -33.69
CA GLY A 101 0.86 1.14 -33.13
C GLY A 101 -0.54 1.68 -33.35
N PRO A 102 -1.55 0.84 -33.09
CA PRO A 102 -2.94 1.21 -33.29
C PRO A 102 -3.51 2.16 -32.23
N ARG A 103 -2.68 2.63 -31.30
CA ARG A 103 -3.14 3.55 -30.27
C ARG A 103 -2.36 4.87 -30.27
N ALA A 104 -1.31 4.94 -31.08
CA ALA A 104 -0.47 6.13 -31.14
C ALA A 104 -1.28 7.40 -31.39
N TYR A 105 -2.39 7.28 -32.10
CA TYR A 105 -3.19 8.44 -32.48
C TYR A 105 -3.78 9.20 -31.28
N THR A 106 -4.25 8.48 -30.26
CA THR A 106 -4.78 9.18 -29.08
C THR A 106 -3.66 9.85 -28.26
N ARG A 107 -2.47 9.27 -28.29
CA ARG A 107 -1.32 9.91 -27.64
C ARG A 107 -1.02 11.24 -28.30
N GLU A 108 -1.07 11.26 -29.63
CA GLU A 108 -0.75 12.47 -30.39
C GLU A 108 -1.79 13.57 -30.17
N LYS A 109 -2.95 13.20 -29.63
CA LYS A 109 -3.99 14.19 -29.31
C LYS A 109 -3.63 15.04 -28.10
N GLN A 110 -2.72 14.55 -27.27
CA GLN A 110 -2.26 15.31 -26.11
C GLN A 110 -3.43 15.81 -25.27
N LEU A 111 -4.36 14.91 -24.95
CA LEU A 111 -5.59 15.28 -24.25
C LEU A 111 -5.37 15.59 -22.77
N ALA A 112 -5.96 16.69 -22.30
CA ALA A 112 -5.90 17.05 -20.90
C ALA A 112 -7.07 16.43 -20.16
N GLU A 113 -7.95 15.79 -20.93
CA GLU A 113 -9.12 15.14 -20.37
C GLU A 113 -9.68 14.12 -21.37
N TYR A 114 -10.20 13.01 -20.85
CA TYR A 114 -10.77 11.98 -21.70
C TYR A 114 -11.69 11.07 -20.90
N ASN A 115 -12.80 10.68 -21.49
CA ASN A 115 -13.70 9.76 -20.83
C ASN A 115 -14.33 8.80 -21.83
N VAL A 116 -14.68 7.61 -21.37
CA VAL A 116 -15.25 6.57 -22.20
C VAL A 116 -16.04 5.64 -21.31
N THR A 117 -17.06 5.00 -21.86
CA THR A 117 -17.87 4.05 -21.12
C THR A 117 -17.71 2.66 -21.71
N SER A 118 -17.31 1.70 -20.88
CA SER A 118 -17.13 0.33 -21.34
C SER A 118 -18.49 -0.26 -21.74
N VAL A 119 -18.46 -1.32 -22.54
CA VAL A 119 -19.69 -1.93 -23.02
C VAL A 119 -20.53 -2.47 -21.85
N VAL A 120 -19.87 -2.86 -20.77
CA VAL A 120 -20.57 -3.36 -19.59
C VAL A 120 -21.21 -2.23 -18.78
N GLY A 121 -20.92 -0.98 -19.18
CA GLY A 121 -21.58 0.18 -18.59
C GLY A 121 -20.76 0.92 -17.55
N THR A 122 -19.46 0.66 -17.50
CA THR A 122 -18.60 1.33 -16.55
C THR A 122 -17.94 2.57 -17.17
N ARG A 123 -18.25 3.74 -16.65
CA ARG A 123 -17.65 4.98 -17.15
C ARG A 123 -16.28 5.21 -16.55
N PHE A 124 -15.33 5.65 -17.37
CA PHE A 124 -13.99 5.98 -16.92
C PHE A 124 -13.60 7.37 -17.40
N GLU A 125 -12.84 8.09 -16.59
CA GLU A 125 -12.39 9.43 -16.95
C GLU A 125 -11.02 9.76 -16.39
N VAL A 126 -10.18 10.33 -17.23
CA VAL A 126 -8.94 10.94 -16.78
C VAL A 126 -9.11 12.43 -16.97
N LYS A 127 -8.86 13.19 -15.92
CA LYS A 127 -9.03 14.63 -15.98
C LYS A 127 -7.87 15.34 -15.28
N TYR A 128 -7.00 15.98 -16.06
CA TYR A 128 -5.88 16.70 -15.50
C TYR A 128 -6.36 17.95 -14.76
N THR A 129 -5.93 18.09 -13.51
CA THR A 129 -6.28 19.26 -12.72
C THR A 129 -5.13 20.27 -12.77
N VAL A 130 -3.94 19.77 -13.06
CA VAL A 130 -2.80 20.62 -13.42
C VAL A 130 -2.34 20.18 -14.81
N VAL A 131 -2.55 21.05 -15.79
CA VAL A 131 -2.45 20.66 -17.20
C VAL A 131 -1.19 21.18 -17.87
N GLU A 132 -0.40 21.98 -17.15
CA GLU A 132 0.81 22.59 -17.69
C GLU A 132 2.01 22.32 -16.80
N GLY A 133 3.20 22.47 -17.37
CA GLY A 133 4.43 22.32 -16.60
C GLY A 133 4.86 20.87 -16.45
N ASN A 134 5.87 20.65 -15.61
CA ASN A 134 6.49 19.34 -15.48
C ASN A 134 5.97 18.51 -14.32
N ASN A 135 5.16 19.12 -13.47
CA ASN A 135 4.52 18.41 -12.37
C ASN A 135 3.02 18.37 -12.56
N LEU A 136 2.57 17.46 -13.41
CA LEU A 136 1.16 17.37 -13.79
C LEU A 136 0.36 16.56 -12.79
N GLU A 137 -0.94 16.86 -12.70
CA GLU A 137 -1.83 16.22 -11.75
C GLU A 137 -3.14 15.84 -12.45
N ALA A 138 -3.64 14.64 -12.17
CA ALA A 138 -4.90 14.21 -12.77
C ALA A 138 -5.74 13.36 -11.82
N ASN A 139 -7.06 13.49 -11.96
CA ASN A 139 -7.98 12.60 -11.28
C ASN A 139 -8.38 11.47 -12.21
N VAL A 140 -8.39 10.24 -11.68
CA VAL A 140 -8.90 9.10 -12.43
C VAL A 140 -10.21 8.68 -11.79
N ILE A 141 -11.29 8.84 -12.56
CA ILE A 141 -12.64 8.69 -12.02
C ILE A 141 -13.38 7.50 -12.60
N PHE A 142 -13.71 6.53 -11.74
CA PHE A 142 -14.48 5.35 -12.14
C PHE A 142 -15.95 5.54 -11.79
N SER A 143 -16.82 5.21 -12.74
CA SER A 143 -18.27 5.31 -12.51
C SER A 143 -19.04 4.52 -13.55
C ACE B 1 7.20 22.28 14.59
O ACE B 1 7.35 21.74 15.68
CH3 ACE B 1 7.66 23.73 14.35
N THR B 2 6.77 21.64 13.52
CA THR B 2 6.34 20.26 13.61
C THR B 2 7.55 19.32 13.57
N TYR B 3 7.33 18.06 13.91
CA TYR B 3 8.37 17.04 13.84
C TYR B 3 7.87 15.87 13.00
N SER B 4 8.79 15.27 12.25
CA SER B 4 8.45 14.09 11.48
C SER B 4 9.46 12.98 11.74
N ILE B 5 9.01 11.74 11.68
CA ILE B 5 9.90 10.59 11.81
C ILE B 5 9.59 9.64 10.67
N THR B 6 10.58 9.42 9.82
CA THR B 6 10.41 8.55 8.66
C THR B 6 11.11 7.23 8.88
N LEU B 7 10.35 6.14 8.78
CA LEU B 7 10.87 4.81 9.08
C LEU B 7 11.02 3.95 7.84
N ARG B 8 12.16 3.27 7.75
CA ARG B 8 12.36 2.25 6.73
C ARG B 8 12.41 0.89 7.42
N VAL B 9 11.57 -0.04 6.97
CA VAL B 9 11.47 -1.36 7.60
C VAL B 9 12.31 -2.41 6.88
N PHE B 10 13.30 -2.94 7.59
CA PHE B 10 14.19 -3.98 7.07
C PHE B 10 13.92 -5.30 7.78
N GLN B 11 13.44 -6.30 7.05
CA GLN B 11 13.28 -7.64 7.61
C GLN B 11 14.40 -8.53 7.10
N ARG B 12 15.22 -9.04 8.01
CA ARG B 12 16.48 -9.66 7.67
C ARG B 12 16.47 -11.18 7.58
N ASN B 13 15.62 -11.83 8.37
CA ASN B 13 15.66 -13.28 8.49
C ASN B 13 14.30 -13.96 8.30
N PRO B 14 14.11 -14.60 7.14
CA PRO B 14 12.87 -15.30 6.81
C PRO B 14 12.49 -16.35 7.85
N GLY B 15 13.49 -16.91 8.53
CA GLY B 15 13.25 -17.91 9.56
C GLY B 15 12.37 -17.40 10.68
N ARG B 16 12.37 -16.07 10.88
CA ARG B 16 11.58 -15.46 11.93
C ARG B 16 10.16 -15.15 11.48
N GLY B 17 9.86 -15.43 10.22
CA GLY B 17 8.56 -15.09 9.64
C GLY B 17 8.59 -13.72 9.00
N PHE B 18 7.44 -13.29 8.48
CA PHE B 18 7.33 -12.02 7.79
C PHE B 18 6.29 -11.14 8.50
N PHE B 19 6.68 -9.92 8.84
CA PHE B 19 5.79 -9.02 9.58
C PHE B 19 5.07 -8.02 8.68
N SER B 20 3.82 -7.74 9.02
CA SER B 20 3.06 -6.68 8.36
C SER B 20 2.36 -5.82 9.42
N ILE B 21 2.09 -4.58 9.05
CA ILE B 21 1.46 -3.64 9.97
C ILE B 21 0.00 -3.99 10.18
N VAL B 22 -0.45 -3.98 11.44
CA VAL B 22 -1.84 -4.29 11.76
C VAL B 22 -2.52 -3.15 12.52
N GLU B 23 -1.74 -2.12 12.86
CA GLU B 23 -2.27 -1.00 13.61
C GLU B 23 -1.27 0.17 13.62
N LYS B 24 -1.80 1.39 13.58
CA LYS B 24 -0.98 2.60 13.66
C LYS B 24 -1.72 3.61 14.51
N THR B 25 -1.15 3.99 15.65
CA THR B 25 -1.78 4.98 16.53
C THR B 25 -0.96 6.26 16.61
N VAL B 26 -1.62 7.34 17.00
CA VAL B 26 -0.95 8.62 17.29
C VAL B 26 -1.48 9.19 18.61
N PHE B 27 -0.58 9.49 19.54
CA PHE B 27 -0.98 10.05 20.83
C PHE B 27 -1.41 11.51 20.69
N HIS B 28 -2.32 11.94 21.56
CA HIS B 28 -3.02 13.21 21.37
C HIS B 28 -2.26 14.47 21.81
N TYR B 29 -1.12 14.30 22.48
CA TYR B 29 -0.30 15.46 22.86
C TYR B 29 0.27 16.16 21.63
N ALA B 30 0.84 17.36 21.86
CA ALA B 30 1.49 18.13 20.82
C ALA B 30 0.61 18.34 19.59
N ASN B 31 -0.70 18.40 19.81
CA ASN B 31 -1.64 18.61 18.72
C ASN B 31 -1.76 17.39 17.81
N GLY B 32 -1.42 16.21 18.35
CA GLY B 32 -1.56 14.96 17.60
C GLY B 32 -0.57 14.80 16.46
N GLY B 33 -1.01 14.11 15.41
CA GLY B 33 -0.15 13.82 14.27
C GLY B 33 -0.76 12.77 13.36
N THR B 34 -0.06 12.44 12.29
CA THR B 34 -0.62 11.57 11.26
C THR B 34 0.44 10.64 10.68
N TRP B 35 0.03 9.41 10.38
CA TRP B 35 0.87 8.45 9.67
C TRP B 35 0.60 8.55 8.18
N SER B 36 1.65 8.49 7.37
CA SER B 36 1.48 8.42 5.93
C SER B 36 2.48 7.42 5.36
N GLU B 37 2.26 7.03 4.11
CA GLU B 37 3.19 6.13 3.43
C GLU B 37 3.67 6.74 2.13
N ALA B 38 4.95 6.50 1.83
CA ALA B 38 5.55 6.96 0.59
C ALA B 38 6.72 6.06 0.21
N LYS B 39 6.66 5.51 -1.00
CA LYS B 39 7.74 4.68 -1.51
C LYS B 39 8.19 3.62 -0.51
N GLY B 40 7.22 2.92 0.07
CA GLY B 40 7.50 1.81 0.98
C GLY B 40 7.90 2.22 2.39
N THR B 41 8.00 3.53 2.63
CA THR B 41 8.39 4.01 3.96
C THR B 41 7.18 4.56 4.73
N HIS B 42 7.33 4.71 6.03
CA HIS B 42 6.26 5.23 6.87
C HIS B 42 6.71 6.48 7.63
N THR B 43 5.97 7.56 7.46
CA THR B 43 6.30 8.80 8.15
C THR B 43 5.23 9.16 9.17
N LEU B 44 5.67 9.41 10.40
CA LEU B 44 4.81 9.99 11.42
C LEU B 44 5.05 11.50 11.47
N THR B 45 4.01 12.29 11.23
CA THR B 45 4.13 13.74 11.32
C THR B 45 3.40 14.23 12.56
N MET B 46 4.12 15.00 13.39
CA MET B 46 3.59 15.44 14.67
C MET B 46 3.55 16.96 14.75
N GLY B 47 2.55 17.50 15.45
CA GLY B 47 2.34 18.94 15.54
C GLY B 47 3.38 19.65 16.38
N GLY B 48 4.19 18.88 17.10
CA GLY B 48 5.26 19.45 17.89
C GLY B 48 5.99 18.40 18.72
N SER B 49 6.88 18.85 19.59
CA SER B 49 7.57 17.96 20.51
C SER B 49 6.62 17.50 21.62
N GLY B 50 6.82 16.28 22.11
CA GLY B 50 6.08 15.79 23.26
C GLY B 50 4.98 14.80 22.94
N THR B 51 4.99 14.25 21.72
CA THR B 51 4.06 13.19 21.38
C THR B 51 4.75 12.04 20.67
N SER B 52 3.96 11.11 20.15
CA SER B 52 4.51 9.90 19.57
C SER B 52 3.47 9.13 18.78
N GLY B 53 3.91 8.02 18.20
CA GLY B 53 3.02 7.13 17.46
C GLY B 53 3.52 5.70 17.57
N VAL B 54 2.62 4.74 17.39
CA VAL B 54 3.00 3.35 17.49
C VAL B 54 2.57 2.55 16.27
N LEU B 55 3.47 1.73 15.76
CA LEU B 55 3.13 0.77 14.73
C LEU B 55 3.12 -0.62 15.36
N ARG B 56 2.00 -1.31 15.25
CA ARG B 56 1.96 -2.71 15.69
C ARG B 56 2.13 -3.63 14.49
N PHE B 57 3.00 -4.63 14.63
CA PHE B 57 3.25 -5.58 13.57
C PHE B 57 2.78 -6.96 13.98
N MET B 58 2.37 -7.76 12.99
CA MET B 58 2.12 -9.17 13.21
C MET B 58 2.84 -10.00 12.15
N SER B 59 3.56 -11.03 12.57
CA SER B 59 4.26 -11.90 11.64
C SER B 59 3.30 -12.99 11.16
N ASP B 60 3.57 -13.55 9.99
CA ASP B 60 2.73 -14.64 9.49
C ASP B 60 2.88 -15.88 10.36
N LYS B 61 3.69 -15.78 11.41
CA LYS B 61 3.79 -16.85 12.41
C LYS B 61 2.93 -16.54 13.64
N GLY B 62 2.40 -15.32 13.71
CA GLY B 62 1.49 -14.94 14.79
C GLY B 62 2.08 -14.03 15.86
N GLU B 63 3.37 -13.71 15.73
CA GLU B 63 4.05 -12.86 16.71
C GLU B 63 3.56 -11.42 16.64
N LEU B 64 3.29 -10.82 17.80
CA LEU B 64 2.82 -9.44 17.87
C LEU B 64 3.80 -8.54 18.62
N ILE B 65 4.21 -7.45 17.98
CA ILE B 65 5.14 -6.51 18.58
C ILE B 65 4.79 -5.07 18.21
N THR B 66 5.18 -4.14 19.06
CA THR B 66 4.94 -2.72 18.79
C THR B 66 6.24 -1.93 18.67
N VAL B 67 6.24 -0.99 17.73
CA VAL B 67 7.33 -0.04 17.59
C VAL B 67 6.80 1.34 17.93
N ALA B 68 7.38 1.98 18.94
CA ALA B 68 6.98 3.33 19.31
C ALA B 68 8.08 4.33 18.96
N VAL B 69 7.69 5.42 18.31
CA VAL B 69 8.62 6.52 18.03
C VAL B 69 7.98 7.85 18.34
N GLY B 70 8.79 8.79 18.79
CA GLY B 70 8.29 10.11 19.13
C GLY B 70 9.40 11.09 19.48
N VAL B 71 9.01 12.27 19.92
CA VAL B 71 9.96 13.30 20.30
C VAL B 71 9.64 13.78 21.71
N HIS B 72 10.60 13.65 22.61
CA HIS B 72 10.44 14.11 23.99
C HIS B 72 11.45 15.20 24.31
N ASN B 73 10.95 16.37 24.70
CA ASN B 73 11.81 17.51 24.96
C ASN B 73 12.78 17.73 23.82
N TYR B 74 12.26 17.75 22.60
CA TYR B 74 13.03 18.07 21.40
C TYR B 74 14.07 17.02 21.03
N LYS B 75 13.97 15.84 21.62
CA LYS B 75 14.87 14.75 21.24
C LYS B 75 14.10 13.48 20.94
N ARG B 76 14.53 12.75 19.93
CA ARG B 76 13.81 11.56 19.50
C ARG B 76 13.88 10.46 20.55
N TRP B 77 12.86 9.62 20.59
CA TRP B 77 12.87 8.44 21.43
C TRP B 77 12.22 7.27 20.69
N CYS B 78 12.46 6.07 21.17
CA CYS B 78 11.89 4.88 20.57
C CYS B 78 11.85 3.73 21.56
N ASP B 79 10.89 2.83 21.37
CA ASP B 79 10.77 1.65 22.22
C ASP B 79 10.21 0.51 21.39
N VAL B 80 10.52 -0.72 21.80
CA VAL B 80 9.95 -1.91 21.17
C VAL B 80 9.42 -2.83 22.26
N VAL B 81 8.15 -3.22 22.14
CA VAL B 81 7.56 -4.18 23.06
C VAL B 81 7.18 -5.46 22.33
N THR B 82 7.72 -6.59 22.80
CA THR B 82 7.49 -7.87 22.15
C THR B 82 6.65 -8.80 23.02
N GLY B 83 6.28 -9.95 22.46
CA GLY B 83 5.50 -10.95 23.17
C GLY B 83 4.15 -10.41 23.60
N LEU B 84 3.57 -9.55 22.77
CA LEU B 84 2.28 -8.96 23.07
C LEU B 84 1.16 -9.98 22.90
N LYS B 85 0.14 -9.88 23.74
CA LYS B 85 -1.06 -10.68 23.60
C LYS B 85 -2.04 -9.95 22.67
N PRO B 86 -2.97 -10.69 22.07
CA PRO B 86 -3.88 -10.12 21.07
C PRO B 86 -4.65 -8.92 21.60
N GLU B 87 -4.93 -8.92 22.91
CA GLU B 87 -5.71 -7.85 23.53
C GLU B 87 -4.88 -6.57 23.74
N GLU B 88 -3.56 -6.72 23.71
CA GLU B 88 -2.67 -5.58 23.90
C GLU B 88 -2.43 -4.85 22.58
N THR B 89 -3.46 -4.16 22.11
CA THR B 89 -3.38 -3.44 20.84
C THR B 89 -2.50 -2.20 21.00
N ALA B 90 -2.14 -1.58 19.88
CA ALA B 90 -1.34 -0.36 19.93
C ALA B 90 -2.11 0.73 20.68
N LEU B 91 -3.44 0.68 20.58
CA LEU B 91 -4.30 1.61 21.29
C LEU B 91 -4.10 1.49 22.81
N VAL B 92 -3.75 0.28 23.26
CA VAL B 92 -3.45 0.04 24.67
C VAL B 92 -2.04 0.49 25.01
N ILE B 93 -1.08 0.13 24.15
CA ILE B 93 0.33 0.37 24.40
C ILE B 93 0.73 1.85 24.36
N ASN B 94 0.25 2.58 23.36
CA ASN B 94 0.74 3.95 23.16
C ASN B 94 0.53 4.88 24.35
N PRO B 95 -0.66 4.88 24.94
CA PRO B 95 -0.93 5.71 26.12
C PRO B 95 -0.08 5.33 27.33
N GLN B 96 0.44 4.11 27.35
CA GLN B 96 1.21 3.63 28.50
C GLN B 96 2.54 4.37 28.66
N TYR B 97 2.96 5.09 27.63
CA TYR B 97 4.19 5.87 27.69
C TYR B 97 3.97 7.23 28.37
N TYR B 98 2.73 7.52 28.75
CA TYR B 98 2.38 8.85 29.27
C TYR B 98 1.57 8.81 30.56
N ASN B 99 1.41 9.97 31.18
CA ASN B 99 0.64 10.08 32.41
C ASN B 99 1.09 9.07 33.47
N ASN B 100 2.40 8.96 33.65
CA ASN B 100 2.96 8.03 34.64
C ASN B 100 2.62 6.58 34.34
N GLY B 101 2.41 6.28 33.06
CA GLY B 101 2.17 4.90 32.63
C GLY B 101 3.41 4.07 32.86
N PRO B 102 3.29 2.74 32.71
CA PRO B 102 4.39 1.81 32.99
C PRO B 102 5.51 1.81 31.96
N ARG B 103 5.38 2.62 30.91
CA ARG B 103 6.38 2.65 29.85
C ARG B 103 7.03 4.02 29.71
N ALA B 104 6.57 4.98 30.49
CA ALA B 104 7.07 6.35 30.41
C ALA B 104 8.59 6.43 30.52
N TYR B 105 9.16 5.55 31.33
CA TYR B 105 10.60 5.61 31.59
C TYR B 105 11.47 5.44 30.33
N THR B 106 11.04 4.60 29.40
CA THR B 106 11.82 4.43 28.17
C THR B 106 11.64 5.61 27.20
N ARG B 107 10.49 6.28 27.26
CA ARG B 107 10.32 7.52 26.50
C ARG B 107 11.31 8.56 27.00
N GLU B 108 11.38 8.70 28.32
CA GLU B 108 12.25 9.70 28.93
C GLU B 108 13.73 9.44 28.65
N LYS B 109 14.06 8.23 28.23
CA LYS B 109 15.43 7.89 27.88
C LYS B 109 15.88 8.56 26.59
N GLN B 110 14.93 8.98 25.77
CA GLN B 110 15.24 9.71 24.53
C GLN B 110 16.25 8.95 23.68
N LEU B 111 16.03 7.65 23.51
CA LEU B 111 16.98 6.80 22.83
C LEU B 111 17.03 7.02 21.32
N ALA B 112 18.25 7.14 20.78
CA ALA B 112 18.46 7.26 19.35
C ALA B 112 18.58 5.86 18.74
N GLU B 113 18.60 4.86 19.61
CA GLU B 113 18.72 3.48 19.19
C GLU B 113 18.20 2.55 20.28
N TYR B 114 17.57 1.45 19.88
CA TYR B 114 17.10 0.45 20.83
C TYR B 114 16.88 -0.88 20.14
N ASN B 115 17.30 -1.95 20.80
CA ASN B 115 17.03 -3.29 20.29
C ASN B 115 16.67 -4.25 21.42
N VAL B 116 15.83 -5.22 21.09
CA VAL B 116 15.39 -6.22 22.05
C VAL B 116 15.06 -7.49 21.29
N THR B 117 15.17 -8.63 21.96
CA THR B 117 14.85 -9.91 21.34
C THR B 117 13.71 -10.57 22.09
N SER B 118 12.65 -10.92 21.35
CA SER B 118 11.47 -11.53 21.95
C SER B 118 11.79 -12.89 22.55
N VAL B 119 10.94 -13.35 23.47
CA VAL B 119 11.10 -14.65 24.09
C VAL B 119 11.21 -15.74 23.02
N VAL B 120 10.47 -15.58 21.94
CA VAL B 120 10.46 -16.59 20.88
C VAL B 120 11.69 -16.51 19.98
N GLY B 121 12.54 -15.52 20.21
CA GLY B 121 13.82 -15.42 19.53
C GLY B 121 13.89 -14.47 18.35
N THR B 122 12.98 -13.50 18.29
CA THR B 122 13.00 -12.50 17.23
C THR B 122 13.67 -11.20 17.68
N ARG B 123 14.71 -10.80 16.98
CA ARG B 123 15.39 -9.54 17.29
C ARG B 123 14.70 -8.37 16.63
N PHE B 124 14.56 -7.27 17.37
CA PHE B 124 13.99 -6.05 16.82
C PHE B 124 14.88 -4.87 17.16
N GLU B 125 15.04 -3.96 16.20
CA GLU B 125 15.86 -2.77 16.44
C GLU B 125 15.27 -1.52 15.79
N VAL B 126 15.31 -0.42 16.53
CA VAL B 126 15.01 0.89 15.98
C VAL B 126 16.29 1.71 16.05
N LYS B 127 16.77 2.14 14.89
CA LYS B 127 18.04 2.85 14.81
C LYS B 127 17.88 4.12 13.99
N TYR B 128 17.89 5.26 14.67
CA TYR B 128 17.78 6.55 13.99
C TYR B 128 19.02 6.83 13.16
N THR B 129 18.80 7.18 11.90
CA THR B 129 19.90 7.51 11.00
C THR B 129 20.09 9.02 10.92
N VAL B 130 18.99 9.75 11.12
CA VAL B 130 19.07 11.19 11.33
C VAL B 130 18.55 11.47 12.72
N VAL B 131 19.45 11.91 13.60
CA VAL B 131 19.20 11.91 15.04
C VAL B 131 18.81 13.28 15.60
N GLU B 132 18.95 14.32 14.79
CA GLU B 132 18.67 15.68 15.26
C GLU B 132 17.81 16.45 14.27
N GLY B 133 17.23 17.55 14.74
CA GLY B 133 16.39 18.39 13.90
C GLY B 133 14.94 17.94 13.89
N ASN B 134 14.14 18.56 13.03
CA ASN B 134 12.70 18.30 12.98
C ASN B 134 12.31 17.20 12.00
N ASN B 135 13.24 16.77 11.16
CA ASN B 135 12.98 15.70 10.21
C ASN B 135 13.85 14.49 10.47
N LEU B 136 13.39 13.64 11.38
CA LEU B 136 14.15 12.50 11.85
C LEU B 136 13.95 11.27 10.95
N GLU B 137 14.98 10.44 10.87
CA GLU B 137 14.93 9.24 10.06
C GLU B 137 15.40 8.04 10.89
N ALA B 138 14.74 6.91 10.72
CA ALA B 138 15.15 5.70 11.44
C ALA B 138 14.92 4.45 10.61
N ASN B 139 15.78 3.47 10.82
CA ASN B 139 15.57 2.14 10.27
C ASN B 139 14.90 1.27 11.33
N VAL B 140 13.92 0.48 10.92
CA VAL B 140 13.31 -0.53 11.78
C VAL B 140 13.75 -1.90 11.26
N ILE B 141 14.47 -2.62 12.10
CA ILE B 141 15.11 -3.86 11.66
C ILE B 141 14.59 -5.10 12.39
N PHE B 142 13.92 -5.97 11.64
CA PHE B 142 13.50 -7.27 12.17
C PHE B 142 14.55 -8.31 11.78
N SER B 143 14.98 -9.11 12.75
CA SER B 143 16.03 -10.08 12.49
C SER B 143 15.75 -11.43 13.16
C ACE C 1 -15.31 -15.71 16.90
O ACE C 1 -15.94 -14.72 17.28
CH3 ACE C 1 -15.94 -17.10 16.89
N THR C 2 -14.53 -15.67 15.82
CA THR C 2 -13.98 -14.42 15.33
C THR C 2 -14.96 -13.70 14.39
N TYR C 3 -14.77 -12.39 14.25
CA TYR C 3 -15.53 -11.58 13.31
C TYR C 3 -14.56 -10.77 12.46
N SER C 4 -14.94 -10.51 11.22
CA SER C 4 -14.15 -9.64 10.36
C SER C 4 -15.05 -8.67 9.61
N ILE C 5 -14.55 -7.46 9.41
CA ILE C 5 -15.28 -6.46 8.64
C ILE C 5 -14.36 -5.94 7.55
N THR C 6 -14.75 -6.14 6.31
CA THR C 6 -13.97 -5.74 5.16
C THR C 6 -14.56 -4.49 4.52
N LEU C 7 -13.72 -3.48 4.31
CA LEU C 7 -14.19 -2.19 3.82
C LEU C 7 -13.66 -1.86 2.43
N ARG C 8 -14.55 -1.38 1.57
CA ARG C 8 -14.16 -0.83 0.29
C ARG C 8 -14.40 0.67 0.33
N VAL C 9 -13.39 1.46 -0.01
CA VAL C 9 -13.50 2.91 0.08
C VAL C 9 -13.84 3.53 -1.28
N PHE C 10 -14.97 4.22 -1.34
CA PHE C 10 -15.40 4.89 -2.56
C PHE C 10 -15.37 6.40 -2.35
N GLN C 11 -14.56 7.09 -3.14
CA GLN C 11 -14.52 8.55 -3.11
C GLN C 11 -15.17 9.11 -4.38
N ARG C 12 -16.26 9.85 -4.20
CA ARG C 12 -17.14 10.21 -5.31
C ARG C 12 -16.95 11.60 -5.90
N ASN C 13 -16.44 12.54 -5.10
CA ASN C 13 -16.43 13.94 -5.53
C ASN C 13 -15.10 14.65 -5.32
N PRO C 14 -14.30 14.76 -6.39
CA PRO C 14 -12.98 15.42 -6.35
C PRO C 14 -13.06 16.83 -5.76
N GLY C 15 -14.22 17.46 -5.84
CA GLY C 15 -14.40 18.80 -5.27
C GLY C 15 -14.21 18.81 -3.77
N ARG C 16 -14.37 17.65 -3.14
CA ARG C 16 -14.24 17.52 -1.69
C ARG C 16 -12.80 17.22 -1.29
N GLY C 17 -11.93 17.06 -2.28
CA GLY C 17 -10.55 16.68 -2.02
C GLY C 17 -10.41 15.17 -1.97
N PHE C 18 -9.19 14.70 -1.74
CA PHE C 18 -8.90 13.27 -1.74
C PHE C 18 -8.44 12.81 -0.37
N PHE C 19 -9.09 11.79 0.17
CA PHE C 19 -8.79 11.31 1.51
C PHE C 19 -7.81 10.15 1.52
N SER C 20 -6.95 10.13 2.54
CA SER C 20 -6.06 8.99 2.76
C SER C 20 -6.04 8.62 4.23
N ILE C 21 -5.69 7.38 4.53
CA ILE C 21 -5.70 6.91 5.90
C ILE C 21 -4.48 7.44 6.66
N VAL C 22 -4.71 7.93 7.88
CA VAL C 22 -3.61 8.46 8.68
C VAL C 22 -3.46 7.76 10.03
N GLU C 23 -4.33 6.80 10.31
CA GLU C 23 -4.32 6.11 11.58
C GLU C 23 -5.30 4.93 11.54
N LYS C 24 -4.97 3.86 12.25
CA LYS C 24 -5.84 2.69 12.34
C LYS C 24 -5.72 2.11 13.73
N THR C 25 -6.79 2.18 14.53
CA THR C 25 -6.76 1.65 15.88
C THR C 25 -7.66 0.43 16.05
N VAL C 26 -7.33 -0.39 17.03
CA VAL C 26 -8.19 -1.52 17.42
C VAL C 26 -8.44 -1.48 18.92
N PHE C 27 -9.71 -1.51 19.31
CA PHE C 27 -10.04 -1.49 20.73
C PHE C 27 -9.72 -2.84 21.37
N HIS C 28 -9.43 -2.83 22.68
CA HIS C 28 -8.84 -3.99 23.34
C HIS C 28 -9.85 -5.06 23.80
N TYR C 29 -11.14 -4.79 23.67
CA TYR C 29 -12.15 -5.78 24.04
C TYR C 29 -12.15 -6.96 23.08
N ALA C 30 -12.81 -8.05 23.46
CA ALA C 30 -12.96 -9.24 22.63
C ALA C 30 -11.62 -9.79 22.14
N ASN C 31 -10.60 -9.71 22.99
CA ASN C 31 -9.26 -10.17 22.64
C ASN C 31 -8.61 -9.36 21.53
N GLY C 32 -9.07 -8.13 21.36
CA GLY C 32 -8.50 -7.22 20.36
C GLY C 32 -8.77 -7.63 18.93
N GLY C 33 -7.79 -7.40 18.06
CA GLY C 33 -7.96 -7.64 16.63
C GLY C 33 -6.91 -6.91 15.82
N THR C 34 -6.99 -7.04 14.50
CA THR C 34 -5.96 -6.52 13.61
C THR C 34 -6.54 -5.96 12.32
N TRP C 35 -5.89 -4.91 11.82
CA TRP C 35 -6.21 -4.37 10.50
C TRP C 35 -5.28 -5.01 9.47
N SER C 36 -5.81 -5.30 8.29
CA SER C 36 -4.99 -5.80 7.21
C SER C 36 -5.44 -5.19 5.89
N GLU C 37 -4.59 -5.28 4.87
CA GLU C 37 -4.93 -4.74 3.56
C GLU C 37 -4.80 -5.82 2.51
N ALA C 38 -5.76 -5.86 1.59
CA ALA C 38 -5.73 -6.79 0.47
C ALA C 38 -6.49 -6.21 -0.70
N LYS C 39 -5.85 -6.20 -1.87
CA LYS C 39 -6.51 -5.77 -3.09
C LYS C 39 -7.26 -4.45 -2.92
N GLY C 40 -6.62 -3.49 -2.27
CA GLY C 40 -7.19 -2.15 -2.11
C GLY C 40 -8.29 -2.05 -1.08
N THR C 41 -8.57 -3.14 -0.38
CA THR C 41 -9.60 -3.11 0.66
C THR C 41 -8.96 -3.18 2.04
N HIS C 42 -9.74 -2.88 3.07
CA HIS C 42 -9.25 -2.96 4.45
C HIS C 42 -10.13 -3.89 5.26
N THR C 43 -9.50 -4.83 5.95
CA THR C 43 -10.24 -5.76 6.80
C THR C 43 -9.85 -5.61 8.25
N LEU C 44 -10.84 -5.41 9.11
CA LEU C 44 -10.62 -5.49 10.54
C LEU C 44 -11.03 -6.89 11.01
N THR C 45 -10.08 -7.64 11.57
CA THR C 45 -10.37 -8.95 12.13
C THR C 45 -10.36 -8.86 13.66
N MET C 46 -11.43 -9.36 14.29
CA MET C 46 -11.58 -9.25 15.73
C MET C 46 -11.76 -10.62 16.40
N GLY C 47 -11.31 -10.73 17.65
CA GLY C 47 -11.31 -12.01 18.36
C GLY C 47 -12.67 -12.46 18.87
N GLY C 48 -13.69 -11.67 18.61
CA GLY C 48 -15.05 -12.02 19.04
C GLY C 48 -15.95 -10.81 18.94
N SER C 49 -17.20 -10.96 19.37
CA SER C 49 -18.12 -9.83 19.42
C SER C 49 -17.75 -8.94 20.60
N GLY C 50 -17.92 -7.63 20.43
CA GLY C 50 -17.75 -6.71 21.54
C GLY C 50 -16.62 -5.70 21.43
N THR C 51 -15.97 -5.65 20.27
CA THR C 51 -14.91 -4.68 20.07
C THR C 51 -15.05 -3.96 18.73
N SER C 52 -14.06 -3.17 18.38
CA SER C 52 -14.12 -2.37 17.17
C SER C 52 -12.75 -1.83 16.81
N GLY C 53 -12.71 -1.05 15.75
CA GLY C 53 -11.50 -0.36 15.33
C GLY C 53 -11.89 0.89 14.57
N VAL C 54 -10.97 1.83 14.46
CA VAL C 54 -11.26 3.09 13.80
C VAL C 54 -10.23 3.40 12.72
N LEU C 55 -10.73 3.90 11.58
CA LEU C 55 -9.87 4.46 10.55
C LEU C 55 -10.03 5.98 10.53
N ARG C 56 -8.94 6.69 10.76
CA ARG C 56 -8.96 8.15 10.60
C ARG C 56 -8.45 8.52 9.22
N PHE C 57 -9.17 9.39 8.54
CA PHE C 57 -8.80 9.86 7.21
C PHE C 57 -8.47 11.33 7.25
N MET C 58 -7.55 11.76 6.39
CA MET C 58 -7.28 13.17 6.18
C MET C 58 -7.32 13.46 4.68
N SER C 59 -8.09 14.48 4.28
CA SER C 59 -8.13 14.86 2.87
C SER C 59 -6.94 15.78 2.58
N ASP C 60 -6.60 15.91 1.31
CA ASP C 60 -5.53 16.82 0.92
C ASP C 60 -5.99 18.26 1.01
N LYS C 61 -7.17 18.46 1.59
CA LYS C 61 -7.68 19.79 1.88
C LYS C 61 -7.68 20.06 3.38
N GLY C 62 -7.21 19.09 4.16
CA GLY C 62 -7.02 19.28 5.59
C GLY C 62 -8.15 18.75 6.46
N GLU C 63 -9.14 18.12 5.85
CA GLU C 63 -10.29 17.63 6.60
C GLU C 63 -9.94 16.34 7.35
N LEU C 64 -10.33 16.27 8.62
CA LEU C 64 -10.05 15.11 9.45
C LEU C 64 -11.34 14.44 9.92
N ILE C 65 -11.49 13.17 9.59
CA ILE C 65 -12.69 12.42 9.97
C ILE C 65 -12.32 10.99 10.36
N THR C 66 -13.16 10.37 11.19
CA THR C 66 -12.95 8.99 11.57
C THR C 66 -14.11 8.11 11.14
N VAL C 67 -13.78 6.87 10.80
CA VAL C 67 -14.80 5.86 10.54
C VAL C 67 -14.61 4.73 11.53
N ALA C 68 -15.68 4.40 12.25
CA ALA C 68 -15.64 3.35 13.26
C ALA C 68 -16.54 2.20 12.83
N VAL C 69 -16.00 0.99 12.91
CA VAL C 69 -16.79 -0.21 12.66
C VAL C 69 -16.45 -1.25 13.70
N GLY C 70 -17.47 -2.00 14.10
CA GLY C 70 -17.28 -3.06 15.08
C GLY C 70 -18.48 -3.97 15.16
N VAL C 71 -18.45 -4.89 16.11
CA VAL C 71 -19.58 -5.76 16.35
C VAL C 71 -20.00 -5.64 17.81
N HIS C 72 -21.27 -5.35 18.04
CA HIS C 72 -21.79 -5.24 19.41
C HIS C 72 -22.95 -6.20 19.62
N ASN C 73 -22.81 -7.09 20.58
CA ASN C 73 -23.81 -8.11 20.82
C ASN C 73 -24.16 -8.85 19.53
N TYR C 74 -23.13 -9.24 18.78
CA TYR C 74 -23.28 -10.10 17.61
C TYR C 74 -23.84 -9.39 16.39
N LYS C 75 -24.05 -8.08 16.49
CA LYS C 75 -24.54 -7.29 15.37
C LYS C 75 -23.54 -6.19 15.00
N ARG C 76 -23.40 -5.93 13.71
CA ARG C 76 -22.46 -4.92 13.24
C ARG C 76 -22.89 -3.53 13.67
N TRP C 77 -21.92 -2.65 13.88
CA TRP C 77 -22.23 -1.26 14.12
C TRP C 77 -21.22 -0.38 13.40
N CYS C 78 -21.55 0.89 13.26
CA CYS C 78 -20.66 1.84 12.59
C CYS C 78 -20.98 3.25 13.01
N ASP C 79 -20.01 4.14 12.85
CA ASP C 79 -20.21 5.54 13.14
C ASP C 79 -19.17 6.38 12.39
N VAL C 80 -19.52 7.62 12.11
CA VAL C 80 -18.61 8.55 11.47
C VAL C 80 -18.57 9.85 12.26
N VAL C 81 -17.38 10.34 12.55
CA VAL C 81 -17.20 11.61 13.24
C VAL C 81 -16.41 12.55 12.35
N THR C 82 -16.95 13.74 12.11
CA THR C 82 -16.28 14.72 11.26
C THR C 82 -15.90 15.97 12.05
N GLY C 83 -15.27 16.91 11.37
CA GLY C 83 -14.85 18.16 12.00
C GLY C 83 -13.86 17.96 13.13
N LEU C 84 -13.04 16.93 13.04
CA LEU C 84 -12.07 16.63 14.09
C LEU C 84 -10.94 17.65 14.15
N LYS C 85 -10.46 17.92 15.36
CA LYS C 85 -9.26 18.71 15.56
C LYS C 85 -8.09 17.75 15.43
N PRO C 86 -6.90 18.27 15.15
CA PRO C 86 -5.71 17.42 14.97
C PRO C 86 -5.34 16.64 16.23
N GLU C 87 -5.73 17.11 17.40
CA GLU C 87 -5.44 16.40 18.65
C GLU C 87 -6.44 15.27 18.89
N GLU C 88 -7.56 15.28 18.17
CA GLU C 88 -8.56 14.23 18.27
C GLU C 88 -8.19 13.03 17.39
N THR C 89 -7.11 12.35 17.76
CA THR C 89 -6.63 11.22 16.98
C THR C 89 -7.57 10.03 17.18
N ALA C 90 -7.45 9.02 16.31
CA ALA C 90 -8.27 7.83 16.43
C ALA C 90 -8.05 7.19 17.80
N LEU C 91 -6.85 7.34 18.34
CA LEU C 91 -6.52 6.79 19.65
C LEU C 91 -7.43 7.40 20.73
N VAL C 92 -7.87 8.63 20.49
CA VAL C 92 -8.78 9.32 21.40
C VAL C 92 -10.23 8.93 21.13
N ILE C 93 -10.59 8.86 19.84
CA ILE C 93 -11.98 8.63 19.44
C ILE C 93 -12.45 7.19 19.72
N ASN C 94 -11.60 6.21 19.46
CA ASN C 94 -12.04 4.81 19.56
C ASN C 94 -12.58 4.45 20.96
N PRO C 95 -11.85 4.82 22.02
CA PRO C 95 -12.29 4.50 23.38
C PRO C 95 -13.57 5.22 23.81
N GLN C 96 -13.91 6.30 23.10
CA GLN C 96 -15.10 7.08 23.45
C GLN C 96 -16.39 6.33 23.18
N TYR C 97 -16.28 5.17 22.54
CA TYR C 97 -17.45 4.33 22.29
C TYR C 97 -17.67 3.34 23.43
N TYR C 98 -16.76 3.32 24.39
CA TYR C 98 -16.82 2.38 25.50
C TYR C 98 -16.73 3.08 26.85
N ASN C 99 -16.95 2.32 27.92
CA ASN C 99 -16.88 2.87 29.27
C ASN C 99 -17.81 4.08 29.41
N ASN C 100 -19.00 3.96 28.86
CA ASN C 100 -20.00 5.04 28.86
C ASN C 100 -19.46 6.38 28.38
N GLY C 101 -18.60 6.35 27.35
CA GLY C 101 -18.11 7.56 26.73
C GLY C 101 -19.17 8.20 25.85
N PRO C 102 -18.86 9.39 25.31
CA PRO C 102 -19.82 10.22 24.57
C PRO C 102 -20.30 9.61 23.25
N ARG C 103 -19.70 8.51 22.83
CA ARG C 103 -20.07 7.89 21.56
C ARG C 103 -20.64 6.49 21.72
N ALA C 104 -20.78 6.04 22.97
CA ALA C 104 -21.28 4.70 23.24
C ALA C 104 -22.69 4.54 22.68
N TYR C 105 -23.45 5.63 22.64
CA TYR C 105 -24.84 5.56 22.21
C TYR C 105 -24.99 5.13 20.75
N THR C 106 -24.10 5.57 19.87
CA THR C 106 -24.22 5.20 18.46
C THR C 106 -23.73 3.77 18.18
N ARG C 107 -22.80 3.28 19.00
CA ARG C 107 -22.41 1.88 18.94
C ARG C 107 -23.58 0.98 19.31
N GLU C 108 -24.28 1.36 20.38
CA GLU C 108 -25.42 0.59 20.87
C GLU C 108 -26.51 0.45 19.81
N LYS C 109 -26.55 1.40 18.88
CA LYS C 109 -27.56 1.39 17.82
C LYS C 109 -27.37 0.22 16.85
N GLN C 110 -26.17 -0.37 16.85
CA GLN C 110 -25.89 -1.51 15.97
C GLN C 110 -26.31 -1.23 14.52
N LEU C 111 -25.94 -0.05 14.01
CA LEU C 111 -26.38 0.37 12.68
C LEU C 111 -25.71 -0.40 11.54
N ALA C 112 -26.50 -0.74 10.53
CA ALA C 112 -25.99 -1.40 9.33
C ALA C 112 -25.71 -0.37 8.24
N GLU C 113 -26.06 0.88 8.54
CA GLU C 113 -25.85 1.98 7.63
C GLU C 113 -25.85 3.29 8.40
N TYR C 114 -24.93 4.18 8.06
CA TYR C 114 -24.89 5.50 8.68
C TYR C 114 -24.30 6.52 7.73
N ASN C 115 -24.92 7.69 7.67
CA ASN C 115 -24.40 8.78 6.86
C ASN C 115 -24.48 10.10 7.61
N VAL C 116 -23.54 11.00 7.31
CA VAL C 116 -23.49 12.29 7.96
C VAL C 116 -22.68 13.24 7.10
N THR C 117 -23.02 14.51 7.13
CA THR C 117 -22.30 15.52 6.35
C THR C 117 -21.55 16.46 7.28
N SER C 118 -20.25 16.64 7.03
CA SER C 118 -19.45 17.56 7.84
C SER C 118 -19.92 18.99 7.62
N VAL C 119 -19.72 19.83 8.63
CA VAL C 119 -20.14 21.23 8.57
C VAL C 119 -19.55 21.94 7.35
N VAL C 120 -18.44 21.42 6.82
CA VAL C 120 -17.79 22.04 5.67
C VAL C 120 -18.29 21.50 4.32
N GLY C 121 -19.21 20.55 4.36
CA GLY C 121 -19.88 20.09 3.14
C GLY C 121 -19.60 18.68 2.64
N THR C 122 -18.75 17.96 3.36
CA THR C 122 -18.37 16.62 2.91
C THR C 122 -19.26 15.52 3.48
N ARG C 123 -19.96 14.82 2.60
CA ARG C 123 -20.82 13.70 3.00
C ARG C 123 -20.01 12.43 3.21
N PHE C 124 -20.35 11.69 4.26
CA PHE C 124 -19.69 10.43 4.55
C PHE C 124 -20.75 9.37 4.83
N GLU C 125 -20.52 8.17 4.32
CA GLU C 125 -21.46 7.09 4.54
C GLU C 125 -20.77 5.75 4.74
N VAL C 126 -21.26 4.99 5.70
CA VAL C 126 -20.87 3.60 5.85
C VAL C 126 -22.10 2.75 5.59
N LYS C 127 -22.02 1.88 4.58
CA LYS C 127 -23.13 1.01 4.25
C LYS C 127 -22.67 -0.45 4.15
N TYR C 128 -23.11 -1.27 5.09
CA TYR C 128 -22.79 -2.68 5.05
C TYR C 128 -23.53 -3.36 3.90
N THR C 129 -22.81 -4.16 3.13
CA THR C 129 -23.42 -4.89 2.02
C THR C 129 -23.67 -6.34 2.42
N VAL C 130 -22.90 -6.81 3.40
CA VAL C 130 -23.19 -8.07 4.09
C VAL C 130 -23.41 -7.71 5.55
N VAL C 131 -24.66 -7.85 6.00
CA VAL C 131 -25.10 -7.31 7.29
C VAL C 131 -25.21 -8.35 8.40
N GLU C 132 -25.02 -9.62 8.06
CA GLU C 132 -25.18 -10.71 9.03
C GLU C 132 -24.05 -11.72 8.95
N GLY C 133 -23.85 -12.49 10.00
CA GLY C 133 -22.78 -13.48 10.05
C GLY C 133 -21.51 -12.89 10.62
N ASN C 134 -20.42 -13.65 10.54
CA ASN C 134 -19.14 -13.23 11.11
C ASN C 134 -18.17 -12.66 10.07
N ASN C 135 -18.59 -12.65 8.81
CA ASN C 135 -17.79 -12.08 7.73
C ASN C 135 -18.52 -10.90 7.08
N LEU C 136 -18.40 -9.73 7.68
CA LEU C 136 -19.19 -8.57 7.28
C LEU C 136 -18.49 -7.72 6.22
N GLU C 137 -19.29 -7.03 5.40
CA GLU C 137 -18.75 -6.23 4.31
C GLU C 137 -19.44 -4.88 4.28
N ALA C 138 -18.66 -3.82 4.17
CA ALA C 138 -19.23 -2.48 4.09
C ALA C 138 -18.53 -1.61 3.06
N ASN C 139 -19.31 -0.75 2.40
CA ASN C 139 -18.75 0.30 1.56
C ASN C 139 -18.63 1.59 2.36
N VAL C 140 -17.47 2.24 2.24
CA VAL C 140 -17.27 3.54 2.86
C VAL C 140 -17.24 4.59 1.76
N ILE C 141 -18.20 5.49 1.78
CA ILE C 141 -18.40 6.42 0.66
C ILE C 141 -18.19 7.88 1.05
N PHE C 142 -17.20 8.51 0.43
CA PHE C 142 -16.92 9.93 0.61
C PHE C 142 -17.54 10.72 -0.54
N SER C 143 -18.27 11.79 -0.23
CA SER C 143 -18.84 12.62 -1.27
C SER C 143 -18.82 14.10 -0.86
C ACE D 1 -4.38 -23.49 -13.50
O ACE D 1 -3.37 -23.25 -14.15
CH3 ACE D 1 -5.12 -24.82 -13.66
N THR D 2 -4.91 -22.62 -12.64
CA THR D 2 -4.26 -21.36 -12.34
C THR D 2 -2.93 -21.58 -11.61
N TYR D 3 -2.01 -20.64 -11.80
CA TYR D 3 -0.76 -20.66 -11.05
C TYR D 3 -0.56 -19.31 -10.37
N SER D 4 -0.28 -19.33 -9.08
CA SER D 4 0.00 -18.09 -8.37
C SER D 4 1.34 -18.17 -7.64
N ILE D 5 2.00 -17.02 -7.56
CA ILE D 5 3.28 -16.93 -6.88
C ILE D 5 3.23 -15.76 -5.91
N THR D 6 3.38 -16.06 -4.62
CA THR D 6 3.32 -15.04 -3.59
C THR D 6 4.73 -14.74 -3.06
N LEU D 7 5.10 -13.46 -3.07
CA LEU D 7 6.45 -13.06 -2.73
C LEU D 7 6.50 -12.26 -1.43
N ARG D 8 7.46 -12.60 -0.58
CA ARG D 8 7.73 -11.83 0.62
C ARG D 8 9.09 -11.16 0.46
N VAL D 9 9.12 -9.84 0.53
CA VAL D 9 10.35 -9.09 0.29
C VAL D 9 11.15 -8.87 1.57
N PHE D 10 12.35 -9.43 1.62
CA PHE D 10 13.23 -9.27 2.76
C PHE D 10 14.43 -8.39 2.41
N GLN D 11 14.59 -7.30 3.15
CA GLN D 11 15.73 -6.40 2.94
C GLN D 11 16.64 -6.43 4.18
N ARG D 12 17.85 -6.96 4.00
CA ARG D 12 18.69 -7.36 5.13
C ARG D 12 19.76 -6.34 5.53
N ASN D 13 20.13 -5.45 4.61
CA ASN D 13 21.28 -4.57 4.83
C ASN D 13 21.03 -3.12 4.44
N PRO D 14 20.74 -2.27 5.44
CA PRO D 14 20.46 -0.85 5.24
C PRO D 14 21.56 -0.11 4.47
N GLY D 15 22.78 -0.64 4.51
CA GLY D 15 23.90 -0.04 3.81
C GLY D 15 23.74 -0.09 2.29
N ARG D 16 22.85 -0.96 1.82
CA ARG D 16 22.60 -1.10 0.40
C ARG D 16 21.45 -0.18 -0.05
N GLY D 17 20.85 0.52 0.90
CA GLY D 17 19.72 1.37 0.62
C GLY D 17 18.42 0.63 0.82
N PHE D 18 17.30 1.31 0.56
CA PHE D 18 15.98 0.71 0.69
C PHE D 18 15.28 0.65 -0.66
N PHE D 19 14.84 -0.55 -1.05
CA PHE D 19 14.22 -0.76 -2.34
C PHE D 19 12.69 -0.70 -2.29
N SER D 20 12.10 -0.13 -3.33
CA SER D 20 10.66 -0.11 -3.46
C SER D 20 10.29 -0.45 -4.91
N ILE D 21 9.09 -1.01 -5.08
CA ILE D 21 8.61 -1.39 -6.39
C ILE D 21 8.30 -0.16 -7.23
N VAL D 22 8.81 -0.13 -8.46
CA VAL D 22 8.56 0.99 -9.36
C VAL D 22 7.81 0.57 -10.63
N GLU D 23 7.53 -0.72 -10.75
CA GLU D 23 6.87 -1.23 -11.95
C GLU D 23 6.47 -2.68 -11.74
N LYS D 24 5.38 -3.10 -12.38
CA LYS D 24 4.91 -4.48 -12.28
C LYS D 24 4.24 -4.88 -13.58
N THR D 25 4.89 -5.75 -14.35
CA THR D 25 4.35 -6.19 -15.63
C THR D 25 3.85 -7.62 -15.58
N VAL D 26 2.94 -7.95 -16.48
CA VAL D 26 2.51 -9.34 -16.67
C VAL D 26 2.57 -9.69 -18.16
N PHE D 27 3.24 -10.79 -18.48
CA PHE D 27 3.33 -11.23 -19.87
C PHE D 27 2.00 -11.84 -20.32
N HIS D 28 1.74 -11.81 -21.63
CA HIS D 28 0.41 -12.10 -22.15
C HIS D 28 0.12 -13.58 -22.44
N TYR D 29 1.07 -14.46 -22.22
CA TYR D 29 0.83 -15.89 -22.41
C TYR D 29 -0.08 -16.47 -21.33
N ALA D 30 -0.66 -17.63 -21.60
CA ALA D 30 -1.47 -18.36 -20.61
C ALA D 30 -2.61 -17.51 -20.06
N ASN D 31 -3.26 -16.74 -20.94
CA ASN D 31 -4.36 -15.88 -20.53
C ASN D 31 -3.95 -14.78 -19.56
N GLY D 32 -2.66 -14.43 -19.59
CA GLY D 32 -2.14 -13.32 -18.79
C GLY D 32 -2.20 -13.55 -17.30
N GLY D 33 -2.48 -12.49 -16.55
CA GLY D 33 -2.50 -12.58 -15.10
C GLY D 33 -2.50 -11.21 -14.43
N THR D 34 -2.49 -11.22 -13.10
CA THR D 34 -2.64 -9.99 -12.34
C THR D 34 -1.76 -9.98 -11.10
N TRP D 35 -1.24 -8.81 -10.76
CA TRP D 35 -0.53 -8.62 -9.50
C TRP D 35 -1.50 -8.10 -8.46
N SER D 36 -1.32 -8.53 -7.21
CA SER D 36 -2.10 -7.99 -6.10
C SER D 36 -1.25 -7.93 -4.84
N GLU D 37 -1.69 -7.14 -3.87
CA GLU D 37 -0.99 -7.04 -2.59
C GLU D 37 -1.89 -7.40 -1.43
N ALA D 38 -1.34 -8.17 -0.50
CA ALA D 38 -2.06 -8.57 0.71
C ALA D 38 -1.08 -8.75 1.87
N LYS D 39 -1.40 -8.14 3.00
CA LYS D 39 -0.57 -8.29 4.19
C LYS D 39 0.91 -8.12 3.90
N GLY D 40 1.23 -7.10 3.10
CA GLY D 40 2.63 -6.75 2.84
C GLY D 40 3.32 -7.65 1.84
N THR D 41 2.58 -8.61 1.28
CA THR D 41 3.15 -9.51 0.27
C THR D 41 2.62 -9.20 -1.12
N HIS D 42 3.26 -9.78 -2.13
CA HIS D 42 2.86 -9.58 -3.52
C HIS D 42 2.58 -10.90 -4.21
N THR D 43 1.38 -11.02 -4.78
CA THR D 43 1.00 -12.25 -5.45
C THR D 43 0.77 -12.05 -6.94
N LEU D 44 1.49 -12.81 -7.75
CA LEU D 44 1.22 -12.86 -9.17
C LEU D 44 0.28 -14.03 -9.46
N THR D 45 -0.93 -13.74 -9.91
CA THR D 45 -1.90 -14.78 -10.26
C THR D 45 -1.98 -14.92 -11.78
N MET D 46 -1.71 -16.14 -12.27
CA MET D 46 -1.64 -16.38 -13.71
C MET D 46 -2.72 -17.35 -14.17
N GLY D 47 -3.22 -17.14 -15.39
CA GLY D 47 -4.30 -17.95 -15.93
C GLY D 47 -3.88 -19.34 -16.39
N GLY D 48 -2.60 -19.67 -16.22
CA GLY D 48 -2.11 -21.01 -16.55
C GLY D 48 -0.59 -21.08 -16.52
N SER D 49 -0.04 -22.20 -16.96
CA SER D 49 1.40 -22.35 -17.08
C SER D 49 1.87 -21.68 -18.36
N GLY D 50 3.07 -21.11 -18.35
CA GLY D 50 3.68 -20.57 -19.55
C GLY D 50 3.77 -19.06 -19.61
N THR D 51 3.40 -18.38 -18.53
CA THR D 51 3.56 -16.94 -18.49
C THR D 51 4.35 -16.50 -17.25
N SER D 52 4.42 -15.19 -17.04
CA SER D 52 5.20 -14.65 -15.95
C SER D 52 4.91 -13.18 -15.72
N GLY D 53 5.58 -12.62 -14.72
CA GLY D 53 5.50 -11.19 -14.44
C GLY D 53 6.82 -10.71 -13.88
N VAL D 54 7.07 -9.41 -13.96
CA VAL D 54 8.30 -8.84 -13.45
C VAL D 54 8.04 -7.68 -12.50
N LEU D 55 8.75 -7.67 -11.37
CA LEU D 55 8.77 -6.53 -10.47
C LEU D 55 10.10 -5.80 -10.63
N ARG D 56 10.05 -4.52 -10.99
CA ARG D 56 11.26 -3.71 -11.01
C ARG D 56 11.35 -2.93 -9.71
N PHE D 57 12.51 -3.00 -9.07
CA PHE D 57 12.73 -2.30 -7.81
C PHE D 57 13.73 -1.17 -8.02
N MET D 58 13.56 -0.08 -7.28
CA MET D 58 14.57 0.97 -7.23
C MET D 58 14.90 1.30 -5.79
N SER D 59 16.18 1.38 -5.48
CA SER D 59 16.59 1.75 -4.14
C SER D 59 16.59 3.26 -4.00
N ASP D 60 16.59 3.76 -2.76
CA ASP D 60 16.64 5.19 -2.53
C ASP D 60 18.04 5.72 -2.80
N LYS D 61 18.95 4.83 -3.19
CA LYS D 61 20.27 5.21 -3.67
C LYS D 61 20.30 5.26 -5.19
N GLY D 62 19.25 4.71 -5.81
CA GLY D 62 19.08 4.81 -7.26
C GLY D 62 19.33 3.52 -8.04
N GLU D 63 19.71 2.46 -7.33
CA GLU D 63 19.96 1.18 -7.99
C GLU D 63 18.69 0.58 -8.58
N LEU D 64 18.77 0.12 -9.82
CA LEU D 64 17.62 -0.44 -10.52
C LEU D 64 17.80 -1.93 -10.81
N ILE D 65 16.84 -2.74 -10.35
CA ILE D 65 16.89 -4.18 -10.61
C ILE D 65 15.49 -4.76 -10.83
N THR D 66 15.41 -5.85 -11.58
CA THR D 66 14.14 -6.53 -11.83
C THR D 66 14.14 -7.95 -11.29
N VAL D 67 12.99 -8.36 -10.76
CA VAL D 67 12.79 -9.73 -10.34
C VAL D 67 11.72 -10.34 -11.23
N ALA D 68 12.07 -11.43 -11.90
CA ALA D 68 11.14 -12.14 -12.76
C ALA D 68 10.74 -13.45 -12.11
N VAL D 69 9.44 -13.72 -12.08
CA VAL D 69 8.94 -15.01 -11.62
C VAL D 69 7.80 -15.48 -12.51
N GLY D 70 7.71 -16.79 -12.70
CA GLY D 70 6.65 -17.36 -13.50
C GLY D 70 6.66 -18.87 -13.47
N VAL D 71 5.85 -19.47 -14.33
CA VAL D 71 5.79 -20.92 -14.43
C VAL D 71 6.02 -21.34 -15.88
N HIS D 72 6.98 -22.22 -16.09
CA HIS D 72 7.24 -22.75 -17.42
C HIS D 72 7.12 -24.27 -17.40
N ASN D 73 6.25 -24.78 -18.27
CA ASN D 73 5.99 -26.21 -18.31
C ASN D 73 5.68 -26.74 -16.91
N TYR D 74 4.82 -26.04 -16.19
CA TYR D 74 4.30 -26.52 -14.91
C TYR D 74 5.33 -26.46 -13.77
N LYS D 75 6.49 -25.85 -14.03
CA LYS D 75 7.51 -25.68 -13.00
C LYS D 75 7.89 -24.21 -12.85
N ARG D 76 8.05 -23.76 -11.61
CA ARG D 76 8.37 -22.37 -11.36
C ARG D 76 9.73 -22.00 -11.91
N TRP D 77 9.86 -20.73 -12.32
CA TRP D 77 11.15 -20.21 -12.73
C TRP D 77 11.32 -18.80 -12.18
N CYS D 78 12.55 -18.32 -12.20
CA CYS D 78 12.84 -16.99 -11.69
C CYS D 78 14.19 -16.51 -12.23
N ASP D 79 14.37 -15.19 -12.20
CA ASP D 79 15.62 -14.59 -12.64
C ASP D 79 15.72 -13.18 -12.06
N VAL D 80 16.94 -12.69 -11.95
CA VAL D 80 17.18 -11.33 -11.47
C VAL D 80 18.11 -10.62 -12.43
N VAL D 81 17.76 -9.39 -12.79
CA VAL D 81 18.62 -8.58 -13.64
C VAL D 81 19.02 -7.30 -12.91
N THR D 82 20.32 -7.08 -12.77
CA THR D 82 20.85 -5.92 -12.06
C THR D 82 21.57 -4.97 -13.02
N GLY D 83 22.04 -3.85 -12.48
CA GLY D 83 22.78 -2.87 -13.27
C GLY D 83 21.94 -2.29 -14.38
N LEU D 84 20.63 -2.25 -14.18
CA LEU D 84 19.71 -1.77 -15.20
C LEU D 84 19.80 -0.27 -15.44
N LYS D 85 19.61 0.14 -16.68
CA LYS D 85 19.58 1.57 -17.03
C LYS D 85 18.15 2.08 -16.94
N PRO D 86 17.99 3.39 -16.77
CA PRO D 86 16.66 3.97 -16.65
C PRO D 86 15.71 3.47 -17.73
N GLU D 87 16.18 3.38 -18.97
CA GLU D 87 15.33 3.02 -20.10
C GLU D 87 14.99 1.54 -20.14
N GLU D 88 15.71 0.73 -19.37
CA GLU D 88 15.46 -0.71 -19.33
C GLU D 88 14.35 -1.03 -18.33
N THR D 89 13.15 -0.52 -18.61
CA THR D 89 12.01 -0.74 -17.75
C THR D 89 11.62 -2.21 -17.74
N ALA D 90 10.75 -2.59 -16.82
CA ALA D 90 10.28 -3.96 -16.76
C ALA D 90 9.49 -4.30 -18.04
N LEU D 91 8.89 -3.29 -18.63
CA LEU D 91 8.16 -3.47 -19.89
C LEU D 91 9.10 -3.93 -21.00
N VAL D 92 10.36 -3.53 -20.90
CA VAL D 92 11.39 -3.96 -21.85
C VAL D 92 11.90 -5.35 -21.52
N ILE D 93 12.16 -5.59 -20.23
CA ILE D 93 12.77 -6.84 -19.77
C ILE D 93 11.86 -8.05 -19.87
N ASN D 94 10.59 -7.90 -19.51
CA ASN D 94 9.69 -9.06 -19.43
C ASN D 94 9.59 -9.87 -20.73
N PRO D 95 9.42 -9.17 -21.88
CA PRO D 95 9.32 -9.89 -23.16
C PRO D 95 10.64 -10.54 -23.60
N GLN D 96 11.75 -10.15 -22.99
CA GLN D 96 13.05 -10.69 -23.35
C GLN D 96 13.22 -12.15 -22.96
N TYR D 97 12.27 -12.68 -22.20
CA TYR D 97 12.31 -14.08 -21.77
C TYR D 97 11.57 -14.96 -22.76
N TYR D 98 10.86 -14.32 -23.69
CA TYR D 98 10.03 -15.06 -24.64
C TYR D 98 10.42 -14.81 -26.09
N ASN D 99 9.79 -15.55 -27.00
CA ASN D 99 10.11 -15.48 -28.42
C ASN D 99 11.60 -15.70 -28.68
N ASN D 100 12.16 -16.68 -27.98
CA ASN D 100 13.60 -16.96 -28.06
C ASN D 100 14.48 -15.75 -27.80
N GLY D 101 14.03 -14.89 -26.89
CA GLY D 101 14.78 -13.71 -26.51
C GLY D 101 16.05 -14.04 -25.74
N PRO D 102 16.88 -13.03 -25.48
CA PRO D 102 18.18 -13.19 -24.84
C PRO D 102 18.12 -13.70 -23.40
N ARG D 103 16.91 -13.74 -22.81
CA ARG D 103 16.78 -14.19 -21.43
C ARG D 103 15.97 -15.48 -21.33
N ALA D 104 15.45 -15.95 -22.45
CA ALA D 104 14.64 -17.16 -22.45
C ALA D 104 15.38 -18.32 -21.81
N TYR D 105 16.72 -18.27 -21.81
CA TYR D 105 17.51 -19.39 -21.31
C TYR D 105 17.37 -19.62 -19.81
N THR D 106 17.35 -18.55 -19.02
CA THR D 106 17.20 -18.73 -17.57
C THR D 106 15.78 -19.16 -17.19
N ARG D 107 14.78 -18.73 -17.95
CA ARG D 107 13.41 -19.21 -17.76
C ARG D 107 13.32 -20.71 -18.00
N GLU D 108 13.98 -21.19 -19.05
CA GLU D 108 13.93 -22.60 -19.40
C GLU D 108 14.60 -23.43 -18.30
N LYS D 109 15.41 -22.78 -17.47
CA LYS D 109 16.09 -23.45 -16.37
C LYS D 109 15.13 -23.81 -15.23
N GLN D 110 13.96 -23.19 -15.22
CA GLN D 110 12.94 -23.49 -14.22
C GLN D 110 13.54 -23.50 -12.81
N LEU D 111 14.30 -22.47 -12.48
CA LEU D 111 14.99 -22.41 -11.20
C LEU D 111 14.04 -22.23 -10.01
N ALA D 112 14.31 -22.97 -8.94
CA ALA D 112 13.57 -22.85 -7.70
C ALA D 112 14.29 -21.88 -6.77
N GLU D 113 15.50 -21.51 -7.16
CA GLU D 113 16.29 -20.54 -6.42
C GLU D 113 17.29 -19.88 -7.36
N TYR D 114 17.56 -18.60 -7.11
CA TYR D 114 18.56 -17.88 -7.89
C TYR D 114 19.08 -16.68 -7.12
N ASN D 115 20.39 -16.48 -7.14
CA ASN D 115 20.98 -15.30 -6.53
C ASN D 115 22.08 -14.71 -7.40
N VAL D 116 22.33 -13.42 -7.23
CA VAL D 116 23.29 -12.69 -8.02
C VAL D 116 23.62 -11.40 -7.30
N THR D 117 24.82 -10.87 -7.53
CA THR D 117 25.25 -9.64 -6.89
C THR D 117 25.59 -8.57 -7.93
N SER D 118 24.90 -7.44 -7.84
CA SER D 118 25.14 -6.34 -8.77
C SER D 118 26.60 -5.89 -8.69
N VAL D 119 27.12 -5.37 -9.79
CA VAL D 119 28.49 -4.86 -9.83
C VAL D 119 28.76 -3.83 -8.73
N VAL D 120 27.69 -3.18 -8.26
CA VAL D 120 27.81 -2.18 -7.20
C VAL D 120 27.79 -2.80 -5.80
N GLY D 121 27.62 -4.12 -5.74
CA GLY D 121 27.75 -4.85 -4.48
C GLY D 121 26.47 -5.16 -3.73
N THR D 122 25.35 -5.17 -4.44
CA THR D 122 24.07 -5.52 -3.83
C THR D 122 23.65 -6.95 -4.21
N ARG D 123 23.57 -7.82 -3.21
CA ARG D 123 23.14 -9.20 -3.44
C ARG D 123 21.62 -9.30 -3.55
N PHE D 124 21.16 -10.10 -4.51
CA PHE D 124 19.74 -10.34 -4.69
C PHE D 124 19.49 -11.83 -4.79
N GLU D 125 18.46 -12.30 -4.11
CA GLU D 125 18.12 -13.72 -4.13
C GLU D 125 16.62 -13.96 -4.21
N VAL D 126 16.21 -14.88 -5.08
CA VAL D 126 14.84 -15.36 -5.13
C VAL D 126 14.83 -16.82 -4.73
N LYS D 127 14.28 -17.12 -3.56
CA LYS D 127 14.25 -18.48 -3.05
C LYS D 127 12.83 -18.95 -2.80
N TYR D 128 12.37 -19.91 -3.60
CA TYR D 128 11.05 -20.49 -3.41
C TYR D 128 11.00 -21.34 -2.14
N THR D 129 10.04 -21.04 -1.26
CA THR D 129 9.83 -21.83 -0.05
C THR D 129 8.84 -22.95 -0.34
N VAL D 130 7.93 -22.70 -1.27
CA VAL D 130 7.05 -23.74 -1.79
C VAL D 130 7.35 -23.91 -3.27
N VAL D 131 7.96 -25.04 -3.61
CA VAL D 131 8.53 -25.24 -4.95
C VAL D 131 7.63 -26.03 -5.89
N GLU D 132 6.57 -26.63 -5.36
CA GLU D 132 5.68 -27.48 -6.16
C GLU D 132 4.23 -27.02 -6.07
N GLY D 133 3.43 -27.40 -7.06
CA GLY D 133 2.00 -27.11 -7.04
C GLY D 133 1.65 -25.81 -7.74
N ASN D 134 0.38 -25.41 -7.65
CA ASN D 134 -0.08 -24.20 -8.31
C ASN D 134 -0.19 -22.99 -7.38
N ASN D 135 0.23 -23.17 -6.13
CA ASN D 135 0.28 -22.08 -5.17
C ASN D 135 1.70 -21.91 -4.63
N LEU D 136 2.53 -21.25 -5.41
CA LEU D 136 3.96 -21.16 -5.13
C LEU D 136 4.29 -20.00 -4.19
N GLU D 137 5.33 -20.18 -3.38
CA GLU D 137 5.77 -19.18 -2.42
C GLU D 137 7.27 -18.95 -2.55
N ALA D 138 7.67 -17.69 -2.61
CA ALA D 138 9.09 -17.37 -2.71
C ALA D 138 9.45 -16.15 -1.86
N ASN D 139 10.66 -16.17 -1.32
CA ASN D 139 11.20 -15.01 -0.61
C ASN D 139 12.13 -14.24 -1.52
N VAL D 140 11.92 -12.93 -1.61
CA VAL D 140 12.83 -12.07 -2.34
C VAL D 140 13.74 -11.38 -1.33
N ILE D 141 15.03 -11.67 -1.41
CA ILE D 141 15.98 -11.22 -0.40
C ILE D 141 17.01 -10.26 -0.97
N PHE D 142 17.00 -9.03 -0.46
CA PHE D 142 17.96 -8.00 -0.86
C PHE D 142 19.03 -7.90 0.21
N SER D 143 20.29 -7.97 -0.21
CA SER D 143 21.40 -7.91 0.73
C SER D 143 22.61 -7.22 0.12
C1 NAG E . -10.71 -2.34 -31.02
C2 NAG E . -9.59 -1.80 -30.14
C3 NAG E . -10.14 -1.68 -28.73
C4 NAG E . -11.15 -0.55 -28.75
C5 NAG E . -12.11 -0.66 -29.96
C6 NAG E . -12.70 0.73 -30.25
C7 NAG E . -8.27 -3.83 -29.74
C8 NAG E . -6.88 -4.47 -29.88
N2 NAG E . -8.35 -2.58 -30.19
O1 NAG E . -10.21 -2.84 -32.26
O3 NAG E . -9.08 -1.41 -27.81
O4 NAG E . -10.85 0.42 -27.82
O5 NAG E . -11.52 -1.16 -31.22
O6 NAG E . -11.72 1.59 -30.83
O7 NAG E . -9.21 -4.44 -29.25
C1 NAG E . -10.64 1.85 -27.84
C2 NAG E . -11.25 2.48 -26.59
C3 NAG E . -10.93 3.98 -26.51
C4 NAG E . -9.45 4.25 -26.81
C5 NAG E . -9.03 3.51 -28.08
C6 NAG E . -7.57 3.74 -28.43
C7 NAG E . -13.38 1.71 -25.63
C8 NAG E . -14.89 1.60 -25.84
N2 NAG E . -12.72 2.29 -26.63
O3 NAG E . -11.27 4.49 -25.22
O4 NAG E . -9.23 5.66 -26.95
O5 NAG E . -9.24 2.11 -27.87
O6 NAG E . -6.75 3.20 -27.40
O7 NAG E . -12.85 1.29 -24.60
C1 NAG F . 5.55 -7.29 31.31
C2 NAG F . 5.27 -6.00 30.54
C3 NAG F . 5.71 -6.18 29.09
C4 NAG F . 7.21 -6.50 29.06
C5 NAG F . 7.45 -7.71 29.97
C6 NAG F . 8.94 -8.06 30.04
C7 NAG F . 2.88 -6.39 30.13
C8 NAG F . 1.46 -5.83 30.31
N2 NAG F . 3.85 -5.63 30.62
O1 NAG F . 5.04 -7.20 32.63
O3 NAG F . 5.45 -4.98 28.36
O4 NAG F . 8.03 -5.71 28.17
O5 NAG F . 6.97 -7.43 31.31
O6 NAG F . 9.70 -6.89 30.36
O7 NAG F . 3.07 -7.46 29.57
C1 NAG F . 9.08 -4.75 28.02
C2 NAG F . 9.85 -4.98 26.70
C3 NAG F . 10.90 -3.88 26.52
C4 NAG F . 10.26 -2.50 26.70
C5 NAG F . 9.54 -2.44 28.06
C6 NAG F . 8.92 -1.07 28.31
C7 NAG F . 10.41 -7.19 25.75
C8 NAG F . 11.17 -8.50 26.00
N2 NAG F . 10.50 -6.30 26.74
O3 NAG F . 11.52 -3.96 25.22
O4 NAG F . 11.26 -1.49 26.64
O5 NAG F . 8.50 -3.44 28.06
O6 NAG F . 7.97 -0.77 27.30
O7 NAG F . 9.78 -7.01 24.71
C1 NAG G . -19.29 18.01 19.22
C2 NAG G . -18.82 16.60 19.61
C3 NAG G . -18.40 15.79 18.38
C4 NAG G . -19.39 15.94 17.24
C5 NAG G . -19.66 17.42 17.01
C6 NAG G . -20.61 17.60 15.83
C7 NAG G . -16.42 16.55 20.19
C8 NAG G . -15.39 16.72 21.31
N2 NAG G . -17.68 16.72 20.55
O1 NAG G . -19.87 18.62 20.38
O3 NAG G . -18.31 14.40 18.74
O4 NAG G . -20.15 14.92 16.34
O5 NAG G . -20.28 17.94 18.18
O6 NAG G . -21.91 17.14 16.19
O7 NAG G . -16.05 16.26 19.05
C1 NAG G . -21.02 13.79 16.11
C2 NAG G . -21.00 13.39 14.63
C3 NAG G . -21.89 12.17 14.41
C4 NAG G . -21.55 11.07 15.43
C5 NAG G . -21.54 11.64 16.85
C6 NAG G . -21.16 10.55 17.87
C7 NAG G . -20.73 15.07 12.86
C8 NAG G . -21.41 16.22 12.11
N2 NAG G . -21.48 14.51 13.80
O3 NAG G . -21.71 11.68 13.07
O4 NAG G . -22.50 10.00 15.33
O5 NAG G . -20.56 12.69 16.92
O6 NAG G . -19.88 10.00 17.55
O7 NAG G . -19.57 14.75 12.60
C1 NAG H . 24.54 -6.75 -20.09
C2 NAG H . 23.19 -7.41 -20.40
C3 NAG H . 22.41 -7.63 -19.10
C4 NAG H . 23.28 -8.32 -18.05
C5 NAG H . 24.63 -7.63 -17.92
C6 NAG H . 25.50 -8.43 -16.96
C7 NAG H . 21.48 -5.72 -20.92
C8 NAG H . 20.82 -4.93 -22.06
N2 NAG H . 22.44 -6.56 -21.33
O1 NAG H . 25.27 -6.58 -21.32
O3 NAG H . 21.27 -8.44 -19.37
O4 NAG H . 22.80 -9.52 -17.00
O5 NAG H . 25.28 -7.59 -19.19
O6 NAG H . 25.55 -9.80 -17.40
O7 NAG H . 21.14 -5.57 -19.76
C1 NAG H . 22.45 -10.85 -16.62
C2 NAG H . 22.21 -10.93 -15.11
C3 NAG H . 21.75 -12.33 -14.71
C4 NAG H . 20.58 -12.78 -15.59
C5 NAG H . 20.93 -12.60 -17.07
C6 NAG H . 19.75 -12.99 -17.97
C7 NAG H . 23.54 -9.58 -13.54
C8 NAG H . 24.92 -9.40 -12.88
N2 NAG H . 23.46 -10.61 -14.39
O3 NAG H . 21.36 -12.34 -13.33
O4 NAG H . 20.26 -14.14 -15.32
O5 NAG H . 21.24 -11.22 -17.31
O6 NAG H . 18.59 -12.23 -17.62
O7 NAG H . 22.61 -8.81 -13.31
#